data_5J5X
#
_entry.id   5J5X
#
_cell.length_a   127.023
_cell.length_b   127.023
_cell.length_c   89.631
_cell.angle_alpha   90.00
_cell.angle_beta   90.00
_cell.angle_gamma   120.00
#
_symmetry.space_group_name_H-M   'P 65 2 2'
#
loop_
_entity.id
_entity.type
_entity.pdbx_description
1 polymer 'cAMP-dependent protein kinase catalytic subunit alpha'
2 polymer 47P-AZ1-DAL-DAR-DAR-DAR-DAR
3 non-polymer 'SULFATE ION'
4 non-polymer 4-(piperazin-1-yl)-7H-pyrrolo[2,3-d]pyrimidine
5 water water
#
loop_
_entity_poly.entity_id
_entity_poly.type
_entity_poly.pdbx_seq_one_letter_code
_entity_poly.pdbx_strand_id
1 'polypeptide(L)'
;MGNAAAAKKGSEQESVKEFLAKAKEDFLKKWESPAQNTAHLDQFERIKTLGTGSFGRVMLVKHKETGNHYAMKILDKQKV
VKLKQIEHTLNEKRILQAVNFPFLVKLEFSFKDNSNLYMVMEYVPGGEMFSHLRRIGRFSEPHARFYAAQIVLTFEYLHS
LDLIYRDLKPENLLIDQQGYIQVTDFGFAKRVKGRTW(TPO)LCGTPEYLAPEIILSKGYNKAVDWWALGVLIYEMAAGY
PPFFADQPIQIYEKIVSGKVRFPSHFSSDLKDLLRNLLQVDLTKRFGNLKNGVNDIKNHKWFATTDWIAIYQRKVEAPFI
PKFKGPGDTSNFDDYEEEEIRV(SEP)INEKCGKEFSEF
;
A
2 'polypeptide(D)' (6J9)(ZEU)(DAL)(DAR)(DAR)(DAR)(DAR)(NH2) B
#
loop_
_chem_comp.id
_chem_comp.type
_chem_comp.name
_chem_comp.formula
6J9 non-polymer 4-(piperazin-1-yl)-7H-pyrrolo[2,3-d]pyrimidine 'C10 H13 N5'
NH2 non-polymer 'AMINO GROUP' 'H2 N'
SO4 non-polymer 'SULFATE ION' 'O4 S -2'
ZEU non-polymer '9-hydroxynonanoic acid' 'C9 H18 O3'
#
# COMPACT_ATOMS: atom_id res chain seq x y z
N GLY A 10 -0.27 17.10 24.59
CA GLY A 10 -0.67 17.10 26.03
C GLY A 10 -0.63 15.71 26.65
N SER A 11 -1.71 15.34 27.35
CA SER A 11 -1.81 14.04 28.01
C SER A 11 -2.03 12.87 27.04
N GLU A 12 -2.59 13.14 25.86
CA GLU A 12 -2.93 12.10 24.86
C GLU A 12 -1.72 11.60 24.06
N GLN A 13 -0.59 12.31 24.14
CA GLN A 13 0.67 11.88 23.52
C GLN A 13 1.25 10.61 24.19
N GLU A 14 1.12 10.50 25.52
CA GLU A 14 1.59 9.31 26.25
C GLU A 14 0.78 8.04 25.90
N SER A 15 -0.54 8.19 25.74
CA SER A 15 -1.42 7.06 25.41
C SER A 15 -1.10 6.40 24.05
N VAL A 16 -0.81 7.23 23.04
CA VAL A 16 -0.44 6.72 21.71
C VAL A 16 0.93 6.01 21.68
N LYS A 17 1.89 6.49 22.48
CA LYS A 17 3.20 5.83 22.61
C LYS A 17 3.11 4.46 23.28
N GLU A 18 2.26 4.35 24.31
CA GLU A 18 1.94 3.06 24.94
C GLU A 18 1.33 2.09 23.92
N PHE A 19 0.42 2.59 23.08
CA PHE A 19 -0.20 1.79 22.02
C PHE A 19 0.84 1.29 21.02
N LEU A 20 1.70 2.20 20.55
CA LEU A 20 2.75 1.85 19.58
C LEU A 20 3.80 0.88 20.14
N ALA A 21 4.06 0.98 21.45
CA ALA A 21 4.96 0.05 22.14
C ALA A 21 4.35 -1.36 22.19
N LYS A 22 3.13 -1.45 22.68
CA LYS A 22 2.38 -2.71 22.71
C LYS A 22 2.20 -3.26 21.29
N ALA A 23 2.03 -2.36 20.31
CA ALA A 23 1.93 -2.74 18.91
C ALA A 23 3.22 -3.38 18.38
N LYS A 24 4.36 -2.79 18.73
CA LYS A 24 5.67 -3.37 18.41
C LYS A 24 5.91 -4.73 19.06
N GLU A 25 5.48 -4.88 20.31
CA GLU A 25 5.60 -6.16 21.01
C GLU A 25 4.83 -7.27 20.29
N ASP A 26 3.63 -6.96 19.80
CA ASP A 26 2.84 -7.90 19.01
C ASP A 26 3.53 -8.27 17.69
N PHE A 27 4.12 -7.26 17.07
CA PHE A 27 4.85 -7.42 15.81
C PHE A 27 6.10 -8.28 15.95
N LEU A 28 6.91 -8.01 16.99
CA LEU A 28 8.13 -8.77 17.24
C LEU A 28 7.86 -10.25 17.51
N LYS A 29 6.84 -10.53 18.32
CA LYS A 29 6.39 -11.90 18.58
C LYS A 29 5.91 -12.67 17.33
N LYS A 30 5.31 -11.96 16.37
CA LYS A 30 4.86 -12.59 15.11
C LYS A 30 5.96 -12.63 14.05
N TRP A 31 6.81 -11.61 14.05
CA TRP A 31 8.02 -11.59 13.20
C TRP A 31 8.92 -12.76 13.59
N GLU A 32 9.12 -12.94 14.90
CA GLU A 32 9.87 -14.06 15.49
C GLU A 32 9.32 -15.46 15.14
N SER A 33 8.00 -15.61 15.25
CA SER A 33 7.35 -16.92 15.11
C SER A 33 6.28 -16.92 13.98
N PRO A 34 6.73 -16.79 12.71
CA PRO A 34 5.74 -16.69 11.61
C PRO A 34 4.84 -17.91 11.44
N ALA A 35 3.64 -17.68 10.92
CA ALA A 35 2.75 -18.74 10.45
C ALA A 35 3.18 -19.08 9.02
N GLN A 36 3.11 -20.38 8.70
CA GLN A 36 3.70 -20.91 7.47
C GLN A 36 2.87 -22.10 6.97
N ASN A 37 2.62 -22.13 5.66
CA ASN A 37 1.78 -23.15 5.01
C ASN A 37 0.52 -23.51 5.83
N THR A 38 -0.27 -22.46 6.10
CA THR A 38 -1.48 -22.57 6.89
C THR A 38 -2.73 -22.98 6.08
N ALA A 39 -2.57 -23.24 4.78
CA ALA A 39 -3.67 -23.72 3.93
C ALA A 39 -3.13 -24.40 2.66
N HIS A 40 -4.01 -24.74 1.73
CA HIS A 40 -3.63 -25.32 0.44
C HIS A 40 -4.65 -24.96 -0.66
N LEU A 41 -4.18 -24.91 -1.91
CA LEU A 41 -4.99 -24.48 -3.06
C LEU A 41 -6.36 -25.17 -3.19
N ASP A 42 -6.37 -26.49 -2.99
CA ASP A 42 -7.57 -27.30 -3.24
C ASP A 42 -8.67 -27.22 -2.17
N GLN A 43 -8.54 -26.32 -1.19
CA GLN A 43 -9.70 -25.86 -0.38
C GLN A 43 -10.20 -24.45 -0.78
N PHE A 44 -9.75 -23.94 -1.94
CA PHE A 44 -10.18 -22.63 -2.47
C PHE A 44 -10.75 -22.79 -3.88
N GLU A 45 -12.05 -22.49 -4.03
CA GLU A 45 -12.70 -22.49 -5.34
C GLU A 45 -12.36 -21.21 -6.08
N ARG A 46 -11.89 -21.36 -7.32
CA ARG A 46 -11.62 -20.23 -8.22
C ARG A 46 -12.92 -19.56 -8.64
N ILE A 47 -12.93 -18.22 -8.69
CA ILE A 47 -14.07 -17.45 -9.20
C ILE A 47 -13.64 -16.53 -10.33
N LYS A 48 -12.84 -15.51 -10.03
CA LYS A 48 -12.47 -14.48 -11.01
C LYS A 48 -11.09 -13.87 -10.75
N THR A 49 -10.44 -13.45 -11.84
CA THR A 49 -9.17 -12.73 -11.77
C THR A 49 -9.46 -11.26 -11.47
N LEU A 50 -9.00 -10.78 -10.32
CA LEU A 50 -9.18 -9.39 -9.92
C LEU A 50 -8.05 -8.49 -10.44
N GLY A 51 -6.93 -9.10 -10.82
CA GLY A 51 -5.75 -8.36 -11.25
C GLY A 51 -4.72 -9.29 -11.84
N THR A 52 -3.79 -8.73 -12.61
CA THR A 52 -2.67 -9.49 -13.16
C THR A 52 -1.38 -8.67 -13.08
N GLY A 53 -0.27 -9.35 -13.34
CA GLY A 53 1.04 -8.71 -13.37
C GLY A 53 2.05 -9.52 -14.14
N SER A 54 3.32 -9.10 -14.04
CA SER A 54 4.41 -9.79 -14.71
C SER A 54 4.63 -11.17 -14.10
N PHE A 55 5.00 -11.19 -12.82
CA PHE A 55 5.32 -12.46 -12.13
C PHE A 55 4.17 -13.06 -11.31
N GLY A 56 2.99 -12.43 -11.32
CA GLY A 56 1.84 -12.97 -10.59
C GLY A 56 0.48 -12.39 -10.94
N ARG A 57 -0.52 -12.79 -10.18
CA ARG A 57 -1.89 -12.29 -10.31
C ARG A 57 -2.61 -12.40 -8.97
N VAL A 58 -3.72 -11.66 -8.83
CA VAL A 58 -4.60 -11.79 -7.66
C VAL A 58 -5.93 -12.30 -8.16
N MET A 59 -6.62 -13.12 -7.35
CA MET A 59 -7.87 -13.74 -7.74
C MET A 59 -8.88 -13.78 -6.61
N LEU A 60 -10.16 -13.72 -6.98
CA LEU A 60 -11.25 -13.90 -6.04
C LEU A 60 -11.48 -15.40 -5.88
N VAL A 61 -11.40 -15.86 -4.63
CA VAL A 61 -11.54 -17.27 -4.33
C VAL A 61 -12.49 -17.47 -3.14
N LYS A 62 -13.07 -18.67 -3.04
CA LYS A 62 -14.01 -19.02 -1.98
C LYS A 62 -13.50 -20.20 -1.16
N HIS A 63 -13.35 -19.99 0.15
CA HIS A 63 -13.01 -21.07 1.08
C HIS A 63 -14.24 -21.96 1.31
N LYS A 64 -14.10 -23.25 1.08
CA LYS A 64 -15.24 -24.18 1.05
C LYS A 64 -15.84 -24.48 2.43
N GLU A 65 -15.00 -24.64 3.44
CA GLU A 65 -15.45 -24.99 4.80
C GLU A 65 -16.24 -23.87 5.49
N THR A 66 -15.84 -22.62 5.26
CA THR A 66 -16.54 -21.45 5.82
C THR A 66 -17.47 -20.73 4.83
N GLY A 67 -17.21 -20.88 3.52
CA GLY A 67 -17.92 -20.14 2.49
C GLY A 67 -17.42 -18.71 2.26
N ASN A 68 -16.38 -18.30 3.00
CA ASN A 68 -15.86 -16.93 2.94
C ASN A 68 -15.10 -16.65 1.65
N HIS A 69 -15.17 -15.38 1.21
CA HIS A 69 -14.49 -14.93 0.00
C HIS A 69 -13.18 -14.23 0.36
N TYR A 70 -12.14 -14.53 -0.41
CA TYR A 70 -10.80 -14.03 -0.19
C TYR A 70 -10.16 -13.62 -1.50
N ALA A 71 -9.15 -12.75 -1.40
CA ALA A 71 -8.28 -12.40 -2.52
C ALA A 71 -6.99 -13.22 -2.43
N MET A 72 -6.72 -14.05 -3.43
CA MET A 72 -5.54 -14.93 -3.44
C MET A 72 -4.48 -14.44 -4.41
N LYS A 73 -3.43 -13.84 -3.88
CA LYS A 73 -2.27 -13.44 -4.68
C LYS A 73 -1.45 -14.67 -5.03
N ILE A 74 -1.22 -14.88 -6.32
CA ILE A 74 -0.52 -16.05 -6.85
C ILE A 74 0.74 -15.56 -7.52
N LEU A 75 1.90 -16.04 -7.07
CA LEU A 75 3.19 -15.67 -7.68
C LEU A 75 3.82 -16.90 -8.34
N ASP A 76 4.35 -16.74 -9.55
CA ASP A 76 5.10 -17.80 -10.22
C ASP A 76 6.55 -17.77 -9.71
N LYS A 77 6.99 -18.88 -9.12
CA LYS A 77 8.32 -18.97 -8.51
C LYS A 77 9.43 -18.61 -9.48
N GLN A 78 9.42 -19.26 -10.65
CA GLN A 78 10.43 -19.00 -11.70
C GLN A 78 10.46 -17.55 -12.17
N LYS A 79 9.28 -16.92 -12.24
CA LYS A 79 9.18 -15.51 -12.65
C LYS A 79 9.68 -14.59 -11.54
N VAL A 80 9.44 -14.98 -10.28
CA VAL A 80 9.94 -14.21 -9.13
C VAL A 80 11.48 -14.21 -9.11
N VAL A 81 12.08 -15.35 -9.44
CA VAL A 81 13.54 -15.47 -9.53
C VAL A 81 14.03 -14.66 -10.73
N LYS A 82 13.38 -14.85 -11.88
CA LYS A 82 13.73 -14.16 -13.14
C LYS A 82 13.92 -12.65 -12.98
N LEU A 83 12.99 -12.01 -12.28
CA LEU A 83 13.01 -10.56 -12.08
C LEU A 83 13.64 -10.14 -10.74
N LYS A 84 14.35 -11.06 -10.08
CA LYS A 84 15.06 -10.81 -8.81
C LYS A 84 14.15 -10.20 -7.73
N GLN A 85 13.02 -10.86 -7.51
CA GLN A 85 12.02 -10.45 -6.51
C GLN A 85 11.89 -11.48 -5.39
N ILE A 86 12.99 -12.16 -5.06
CA ILE A 86 12.96 -13.25 -4.09
C ILE A 86 12.84 -12.67 -2.69
N GLU A 87 13.74 -11.76 -2.33
CA GLU A 87 13.73 -11.10 -1.01
C GLU A 87 12.44 -10.30 -0.81
N HIS A 88 12.11 -9.50 -1.82
CA HIS A 88 10.87 -8.70 -1.85
C HIS A 88 9.63 -9.55 -1.56
N THR A 89 9.49 -10.64 -2.30
CA THR A 89 8.39 -11.59 -2.10
C THR A 89 8.38 -12.15 -0.68
N LEU A 90 9.53 -12.64 -0.24
CA LEU A 90 9.70 -13.18 1.12
C LEU A 90 9.35 -12.17 2.21
N ASN A 91 9.76 -10.91 2.03
CA ASN A 91 9.37 -9.80 2.93
C ASN A 91 7.87 -9.60 3.00
N GLU A 92 7.24 -9.47 1.84
CA GLU A 92 5.80 -9.23 1.74
C GLU A 92 5.02 -10.18 2.64
N LYS A 93 5.26 -11.48 2.47
CA LYS A 93 4.60 -12.50 3.28
C LYS A 93 4.99 -12.37 4.75
N ARG A 94 6.26 -12.12 5.03
CA ARG A 94 6.71 -11.99 6.41
C ARG A 94 6.10 -10.78 7.09
N ILE A 95 6.05 -9.64 6.37
CA ILE A 95 5.47 -8.40 6.91
C ILE A 95 3.96 -8.53 7.09
N LEU A 96 3.25 -9.06 6.10
CA LEU A 96 1.79 -9.24 6.20
C LEU A 96 1.34 -10.05 7.41
N GLN A 97 1.93 -11.23 7.59
CA GLN A 97 1.55 -12.11 8.70
C GLN A 97 1.93 -11.57 10.09
N ALA A 98 2.89 -10.62 10.15
CA ALA A 98 3.32 -10.00 11.41
C ALA A 98 2.51 -8.76 11.82
N VAL A 99 2.20 -7.90 10.85
CA VAL A 99 1.46 -6.64 11.13
C VAL A 99 -0.04 -6.77 11.42
N ASN A 100 -0.59 -5.72 12.03
CA ASN A 100 -2.00 -5.66 12.42
C ASN A 100 -2.41 -4.19 12.68
N PHE A 101 -3.26 -3.65 11.82
CA PHE A 101 -3.71 -2.25 11.91
C PHE A 101 -5.04 -2.13 11.13
N PRO A 102 -5.97 -1.24 11.58
CA PRO A 102 -7.27 -1.04 10.92
C PRO A 102 -7.26 -0.97 9.39
N PHE A 103 -6.27 -0.28 8.83
CA PHE A 103 -6.22 0.01 7.39
C PHE A 103 -5.23 -0.85 6.60
N LEU A 104 -4.72 -1.91 7.21
CA LEU A 104 -3.89 -2.90 6.52
C LEU A 104 -4.70 -4.17 6.33
N VAL A 105 -4.66 -4.73 5.13
CA VAL A 105 -5.38 -5.96 4.83
C VAL A 105 -4.83 -7.11 5.68
N LYS A 106 -5.72 -7.97 6.17
CA LYS A 106 -5.29 -9.14 6.93
C LYS A 106 -4.89 -10.25 5.96
N LEU A 107 -3.70 -10.78 6.13
CA LEU A 107 -3.27 -12.01 5.50
C LEU A 107 -3.88 -13.13 6.33
N GLU A 108 -4.77 -13.92 5.72
CA GLU A 108 -5.51 -14.95 6.43
C GLU A 108 -4.80 -16.29 6.35
N PHE A 109 -4.41 -16.67 5.13
CA PHE A 109 -3.65 -17.89 4.86
C PHE A 109 -2.55 -17.64 3.84
N SER A 110 -1.43 -18.34 3.97
CA SER A 110 -0.36 -18.31 2.96
C SER A 110 0.23 -19.70 2.86
N PHE A 111 0.61 -20.09 1.64
CA PHE A 111 1.09 -21.44 1.37
C PHE A 111 1.89 -21.54 0.07
N LYS A 112 2.30 -22.76 -0.26
CA LYS A 112 3.32 -23.03 -1.26
C LYS A 112 3.01 -24.33 -1.96
N ASP A 113 3.26 -24.40 -3.26
CA ASP A 113 3.21 -25.66 -4.01
C ASP A 113 4.45 -25.78 -4.91
N ASN A 114 4.40 -26.66 -5.91
CA ASN A 114 5.56 -26.89 -6.77
C ASN A 114 5.96 -25.64 -7.55
N SER A 115 5.03 -25.07 -8.34
CA SER A 115 5.33 -23.93 -9.22
C SER A 115 5.07 -22.52 -8.64
N ASN A 116 4.27 -22.41 -7.57
CA ASN A 116 3.72 -21.11 -7.13
C ASN A 116 3.78 -20.81 -5.63
N LEU A 117 3.77 -19.51 -5.31
CA LEU A 117 3.53 -19.00 -3.96
C LEU A 117 2.10 -18.45 -3.86
N TYR A 118 1.49 -18.57 -2.68
CA TYR A 118 0.10 -18.15 -2.48
C TYR A 118 -0.04 -17.28 -1.25
N MET A 119 -0.78 -16.18 -1.38
CA MET A 119 -1.13 -15.32 -0.24
C MET A 119 -2.62 -14.98 -0.29
N VAL A 120 -3.38 -15.62 0.60
CA VAL A 120 -4.82 -15.48 0.69
C VAL A 120 -5.13 -14.39 1.72
N MET A 121 -5.76 -13.31 1.24
CA MET A 121 -6.04 -12.13 2.05
C MET A 121 -7.51 -11.80 2.04
N GLU A 122 -7.91 -10.92 2.95
CA GLU A 122 -9.28 -10.36 3.00
C GLU A 122 -9.67 -9.77 1.64
N TYR A 123 -10.82 -10.19 1.12
CA TYR A 123 -11.37 -9.60 -0.11
C TYR A 123 -11.99 -8.27 0.24
N VAL A 124 -11.62 -7.23 -0.51
CA VAL A 124 -12.20 -5.91 -0.32
C VAL A 124 -12.95 -5.60 -1.62
N PRO A 125 -14.29 -5.66 -1.58
CA PRO A 125 -15.07 -5.62 -2.83
C PRO A 125 -15.20 -4.24 -3.50
N GLY A 126 -14.91 -3.17 -2.75
CA GLY A 126 -15.11 -1.81 -3.25
C GLY A 126 -14.19 -1.32 -4.36
N GLY A 127 -13.20 -2.13 -4.75
CA GLY A 127 -12.33 -1.77 -5.86
C GLY A 127 -11.24 -0.82 -5.42
N GLU A 128 -10.37 -0.49 -6.37
CA GLU A 128 -9.20 0.36 -6.11
C GLU A 128 -9.63 1.81 -6.03
N MET A 129 -8.93 2.60 -5.22
CA MET A 129 -9.11 4.05 -5.17
C MET A 129 -8.80 4.70 -6.52
N PHE A 130 -7.82 4.17 -7.24
CA PHE A 130 -7.45 4.67 -8.57
C PHE A 130 -8.61 4.66 -9.56
N SER A 131 -9.41 3.60 -9.57
CA SER A 131 -10.57 3.50 -10.48
C SER A 131 -11.66 4.50 -10.13
N HIS A 132 -11.95 4.64 -8.84
CA HIS A 132 -12.92 5.62 -8.35
C HIS A 132 -12.47 7.04 -8.67
N LEU A 133 -11.18 7.31 -8.53
CA LEU A 133 -10.61 8.63 -8.81
C LEU A 133 -10.74 8.99 -10.29
N ARG A 134 -10.40 8.05 -11.17
CA ARG A 134 -10.50 8.28 -12.61
C ARG A 134 -11.95 8.37 -13.11
N ARG A 135 -12.90 7.77 -12.39
CA ARG A 135 -14.32 7.88 -12.76
C ARG A 135 -14.87 9.23 -12.31
N ILE A 136 -14.69 9.55 -11.03
CA ILE A 136 -15.16 10.82 -10.46
C ILE A 136 -14.34 12.03 -10.95
N GLY A 137 -13.10 11.79 -11.39
CA GLY A 137 -12.23 12.86 -11.90
C GLY A 137 -11.26 13.35 -10.84
N ARG A 138 -11.79 13.92 -9.76
CA ARG A 138 -10.99 14.32 -8.61
C ARG A 138 -11.82 14.31 -7.32
N PHE A 139 -11.17 14.05 -6.19
CA PHE A 139 -11.84 14.12 -4.90
C PHE A 139 -11.79 15.54 -4.39
N SER A 140 -12.84 15.92 -3.65
CA SER A 140 -12.86 17.17 -2.91
C SER A 140 -11.83 17.08 -1.80
N GLU A 141 -11.52 18.20 -1.17
CA GLU A 141 -10.48 18.21 -0.14
C GLU A 141 -10.88 17.48 1.15
N PRO A 142 -12.11 17.68 1.64
CA PRO A 142 -12.54 16.87 2.80
C PRO A 142 -12.55 15.36 2.54
N HIS A 143 -12.74 14.98 1.27
CA HIS A 143 -12.75 13.59 0.83
C HIS A 143 -11.32 13.06 0.79
N ALA A 144 -10.41 13.83 0.21
CA ALA A 144 -9.00 13.46 0.14
C ALA A 144 -8.34 13.42 1.52
N ARG A 145 -8.70 14.38 2.38
CA ARG A 145 -8.20 14.47 3.76
C ARG A 145 -8.58 13.25 4.59
N PHE A 146 -9.79 12.73 4.37
CA PHE A 146 -10.28 11.52 5.04
C PHE A 146 -9.43 10.30 4.67
N TYR A 147 -9.12 10.15 3.39
CA TYR A 147 -8.20 9.11 2.92
C TYR A 147 -6.75 9.33 3.34
N ALA A 148 -6.29 10.58 3.34
CA ALA A 148 -4.92 10.91 3.73
C ALA A 148 -4.63 10.68 5.22
N ALA A 149 -5.65 10.89 6.06
CA ALA A 149 -5.52 10.68 7.51
C ALA A 149 -5.31 9.21 7.87
N GLN A 150 -5.91 8.32 7.09
CA GLN A 150 -5.70 6.90 7.27
C GLN A 150 -4.27 6.47 6.88
N ILE A 151 -3.72 7.11 5.85
CA ILE A 151 -2.35 6.85 5.39
C ILE A 151 -1.33 7.39 6.39
N VAL A 152 -1.56 8.60 6.92
CA VAL A 152 -0.69 9.18 7.95
C VAL A 152 -0.61 8.26 9.18
N LEU A 153 -1.76 7.74 9.61
CA LEU A 153 -1.80 6.81 10.74
C LEU A 153 -1.09 5.49 10.45
N THR A 154 -1.33 4.93 9.26
CA THR A 154 -0.71 3.68 8.84
C THR A 154 0.81 3.80 8.77
N PHE A 155 1.28 4.90 8.18
CA PHE A 155 2.71 5.16 8.07
C PHE A 155 3.37 5.37 9.44
N GLU A 156 2.72 6.14 10.31
CA GLU A 156 3.15 6.26 11.71
C GLU A 156 3.33 4.88 12.33
N TYR A 157 2.33 4.02 12.16
CA TYR A 157 2.36 2.65 12.68
C TYR A 157 3.46 1.79 12.06
N LEU A 158 3.63 1.84 10.74
CA LEU A 158 4.64 1.03 10.04
C LEU A 158 6.06 1.54 10.32
N HIS A 159 6.24 2.86 10.28
CA HIS A 159 7.54 3.49 10.57
C HIS A 159 8.05 3.25 11.97
N SER A 160 7.14 3.20 12.94
CA SER A 160 7.50 2.93 14.33
C SER A 160 8.02 1.50 14.46
N LEU A 161 7.51 0.60 13.62
CA LEU A 161 8.05 -0.76 13.46
C LEU A 161 9.23 -0.85 12.48
N ASP A 162 9.87 0.27 12.14
CA ASP A 162 10.97 0.30 11.19
C ASP A 162 10.65 -0.37 9.83
N LEU A 163 9.42 -0.22 9.36
CA LEU A 163 8.98 -0.76 8.07
C LEU A 163 8.73 0.38 7.09
N ILE A 164 9.48 0.44 6.00
CA ILE A 164 9.19 1.38 4.92
C ILE A 164 8.24 0.65 3.96
N TYR A 165 7.20 1.35 3.52
CA TYR A 165 6.20 0.79 2.61
C TYR A 165 6.67 0.86 1.14
N ARG A 166 7.06 2.05 0.69
CA ARG A 166 7.69 2.28 -0.64
C ARG A 166 6.86 2.06 -1.93
N ASP A 167 5.58 1.70 -1.79
CA ASP A 167 4.71 1.48 -2.96
C ASP A 167 3.34 2.14 -2.74
N LEU A 168 3.34 3.37 -2.26
CA LEU A 168 2.09 4.10 -2.08
C LEU A 168 1.58 4.61 -3.42
N LYS A 169 0.30 4.36 -3.67
CA LYS A 169 -0.41 4.83 -4.86
C LYS A 169 -1.90 4.44 -4.77
N PRO A 170 -2.80 5.20 -5.43
CA PRO A 170 -4.23 4.89 -5.35
C PRO A 170 -4.60 3.48 -5.84
N GLU A 171 -3.78 2.91 -6.73
CA GLU A 171 -3.95 1.52 -7.16
C GLU A 171 -3.88 0.51 -6.00
N ASN A 172 -2.99 0.74 -5.03
CA ASN A 172 -2.79 -0.18 -3.89
C ASN A 172 -3.74 0.05 -2.73
N LEU A 173 -4.45 1.18 -2.73
CA LEU A 173 -5.39 1.50 -1.68
C LEU A 173 -6.77 1.09 -2.18
N LEU A 174 -7.43 0.19 -1.47
CA LEU A 174 -8.76 -0.30 -1.84
C LEU A 174 -9.78 0.09 -0.81
N ILE A 175 -11.03 0.15 -1.25
CA ILE A 175 -12.15 0.64 -0.46
C ILE A 175 -12.97 -0.55 0.09
N ASP A 176 -13.16 -0.58 1.41
CA ASP A 176 -14.05 -1.55 2.05
C ASP A 176 -15.47 -0.98 2.12
N GLN A 177 -16.45 -1.82 2.48
CA GLN A 177 -17.87 -1.39 2.43
C GLN A 177 -18.29 -0.35 3.47
N GLN A 178 -17.43 -0.06 4.45
CA GLN A 178 -17.60 1.12 5.30
C GLN A 178 -16.95 2.39 4.72
N GLY A 179 -16.43 2.33 3.50
CA GLY A 179 -15.79 3.47 2.86
C GLY A 179 -14.38 3.81 3.30
N TYR A 180 -13.74 2.91 4.05
CA TYR A 180 -12.37 3.11 4.56
C TYR A 180 -11.34 2.41 3.67
N ILE A 181 -10.07 2.75 3.89
CA ILE A 181 -8.95 2.25 3.08
C ILE A 181 -8.36 0.95 3.63
N GLN A 182 -8.09 0.02 2.71
CA GLN A 182 -7.38 -1.22 3.02
C GLN A 182 -6.12 -1.30 2.16
N VAL A 183 -4.98 -1.06 2.81
CA VAL A 183 -3.68 -1.13 2.15
C VAL A 183 -3.37 -2.59 1.88
N THR A 184 -3.07 -2.89 0.62
CA THR A 184 -2.57 -4.20 0.20
C THR A 184 -1.32 -3.99 -0.66
N ASP A 185 -0.67 -5.10 -1.00
CA ASP A 185 0.57 -5.09 -1.76
C ASP A 185 1.70 -4.50 -0.91
N PHE A 186 2.42 -5.39 -0.23
CA PHE A 186 3.64 -5.06 0.49
C PHE A 186 4.86 -5.58 -0.29
N GLY A 187 4.72 -5.69 -1.60
CA GLY A 187 5.75 -6.27 -2.45
C GLY A 187 7.07 -5.52 -2.51
N PHE A 188 7.06 -4.23 -2.17
CA PHE A 188 8.28 -3.44 -2.04
C PHE A 188 8.51 -2.96 -0.61
N ALA A 189 7.70 -3.44 0.33
CA ALA A 189 7.86 -3.10 1.75
C ALA A 189 9.05 -3.86 2.32
N LYS A 190 9.68 -3.24 3.32
CA LYS A 190 10.93 -3.74 3.86
C LYS A 190 11.15 -3.19 5.25
N ARG A 191 11.56 -4.07 6.17
CA ARG A 191 11.97 -3.67 7.51
C ARG A 191 13.41 -3.20 7.43
N VAL A 192 13.66 -1.95 7.80
CA VAL A 192 15.02 -1.38 7.70
C VAL A 192 15.25 -0.19 8.63
N LYS A 193 16.17 -0.40 9.58
CA LYS A 193 16.71 0.67 10.41
C LYS A 193 17.75 1.40 9.57
N GLY A 194 17.59 2.71 9.44
CA GLY A 194 18.50 3.52 8.63
C GLY A 194 18.31 3.33 7.13
N ARG A 195 19.42 3.30 6.39
CA ARG A 195 19.39 3.41 4.93
C ARG A 195 19.02 2.11 4.22
N THR A 196 18.50 2.27 3.00
CA THR A 196 18.28 1.17 2.07
C THR A 196 18.42 1.73 0.64
N TRP A 197 18.62 0.86 -0.36
CA TRP A 197 19.02 1.29 -1.72
C TRP A 197 18.16 0.90 -2.92
N TPO A 198 17.26 -0.08 -2.76
CA TPO A 198 16.63 -0.72 -3.93
CB TPO A 198 15.80 -1.92 -3.52
CG2 TPO A 198 15.30 -2.73 -4.71
OG1 TPO A 198 16.63 -2.78 -2.75
P TPO A 198 16.01 -3.09 -1.29
O1P TPO A 198 16.02 -1.78 -0.56
O2P TPO A 198 14.63 -3.70 -1.43
O3P TPO A 198 16.93 -4.08 -0.61
C TPO A 198 15.79 0.26 -4.69
O TPO A 198 14.91 0.92 -4.13
N LEU A 199 16.04 0.37 -6.00
CA LEU A 199 15.30 1.30 -6.87
C LEU A 199 13.95 0.67 -7.24
N CYS A 200 12.89 1.11 -6.56
CA CYS A 200 11.58 0.46 -6.68
C CYS A 200 10.43 1.40 -6.39
N GLY A 201 9.31 1.16 -7.06
CA GLY A 201 8.11 1.98 -6.94
C GLY A 201 7.72 2.61 -8.27
N THR A 202 6.50 3.12 -8.32
CA THR A 202 5.95 3.77 -9.50
C THR A 202 6.65 5.12 -9.70
N PRO A 203 7.06 5.46 -10.95
CA PRO A 203 7.83 6.69 -11.19
C PRO A 203 7.19 7.98 -10.69
N GLU A 204 5.87 8.06 -10.76
CA GLU A 204 5.11 9.21 -10.27
C GLU A 204 5.35 9.45 -8.78
N TYR A 205 5.43 8.37 -8.01
CA TYR A 205 5.50 8.45 -6.54
C TYR A 205 6.93 8.36 -5.92
N LEU A 206 7.97 8.24 -6.74
CA LEU A 206 9.34 8.16 -6.24
C LEU A 206 9.84 9.49 -5.66
N ALA A 207 10.38 9.44 -4.45
CA ALA A 207 11.04 10.60 -3.84
C ALA A 207 12.36 10.84 -4.56
N PRO A 208 12.81 12.10 -4.64
CA PRO A 208 14.02 12.38 -5.42
C PRO A 208 15.28 11.68 -4.91
N GLU A 209 15.38 11.46 -3.59
CA GLU A 209 16.53 10.74 -3.02
C GLU A 209 16.63 9.27 -3.41
N ILE A 210 15.53 8.67 -3.87
CA ILE A 210 15.60 7.33 -4.48
C ILE A 210 16.35 7.41 -5.82
N ILE A 211 15.90 8.32 -6.68
CA ILE A 211 16.42 8.48 -8.05
C ILE A 211 17.92 8.79 -8.09
N LEU A 212 18.42 9.53 -7.10
CA LEU A 212 19.83 9.91 -7.06
C LEU A 212 20.73 8.73 -6.67
N SER A 213 20.12 7.68 -6.10
CA SER A 213 20.72 6.36 -5.94
C SER A 213 21.87 6.29 -4.95
N LYS A 214 21.88 7.21 -3.97
CA LYS A 214 22.88 7.22 -2.90
C LYS A 214 22.23 6.90 -1.55
N GLY A 215 21.35 5.89 -1.56
CA GLY A 215 20.65 5.44 -0.37
C GLY A 215 19.45 6.31 -0.05
N TYR A 216 18.54 5.77 0.77
CA TYR A 216 17.36 6.52 1.25
C TYR A 216 16.77 5.87 2.51
N ASN A 217 15.83 6.58 3.14
CA ASN A 217 15.27 6.22 4.45
C ASN A 217 13.74 6.22 4.40
N LYS A 218 13.09 5.95 5.54
CA LYS A 218 11.62 5.99 5.66
C LYS A 218 10.92 7.30 5.24
N ALA A 219 11.66 8.40 5.11
CA ALA A 219 11.12 9.68 4.59
C ALA A 219 10.61 9.67 3.14
N VAL A 220 10.90 8.62 2.38
CA VAL A 220 10.38 8.47 1.02
C VAL A 220 8.87 8.20 1.02
N ASP A 221 8.39 7.54 2.08
CA ASP A 221 6.95 7.35 2.29
C ASP A 221 6.21 8.70 2.45
N TRP A 222 6.79 9.64 3.18
CA TRP A 222 6.14 10.95 3.38
C TRP A 222 6.10 11.77 2.10
N TRP A 223 7.11 11.63 1.24
CA TRP A 223 7.07 12.25 -0.08
C TRP A 223 5.92 11.67 -0.88
N ALA A 224 5.81 10.34 -0.85
CA ALA A 224 4.75 9.63 -1.55
C ALA A 224 3.35 10.04 -1.06
N LEU A 225 3.22 10.33 0.24
CA LEU A 225 1.98 10.90 0.79
C LEU A 225 1.62 12.20 0.07
N GLY A 226 2.59 13.09 -0.08
CA GLY A 226 2.39 14.34 -0.81
C GLY A 226 1.88 14.10 -2.22
N VAL A 227 2.49 13.12 -2.90
CA VAL A 227 2.13 12.76 -4.28
C VAL A 227 0.69 12.23 -4.30
N LEU A 228 0.33 11.42 -3.30
CA LEU A 228 -1.04 10.91 -3.20
C LEU A 228 -2.03 12.07 -3.04
N ILE A 229 -1.87 12.86 -1.98
CA ILE A 229 -2.82 13.92 -1.62
C ILE A 229 -3.06 14.85 -2.83
N TYR A 230 -1.96 15.22 -3.51
CA TYR A 230 -2.05 15.99 -4.74
C TYR A 230 -2.90 15.27 -5.78
N GLU A 231 -2.57 14.01 -6.06
CA GLU A 231 -3.29 13.23 -7.09
C GLU A 231 -4.75 13.03 -6.77
N MET A 232 -5.06 12.79 -5.50
CA MET A 232 -6.45 12.72 -5.03
C MET A 232 -7.23 14.03 -5.23
N ALA A 233 -6.58 15.16 -4.96
CA ALA A 233 -7.22 16.48 -5.01
C ALA A 233 -7.33 17.05 -6.43
N ALA A 234 -6.29 16.86 -7.24
CA ALA A 234 -6.27 17.37 -8.61
C ALA A 234 -6.91 16.41 -9.61
N GLY A 235 -6.74 15.10 -9.38
CA GLY A 235 -7.15 14.09 -10.35
C GLY A 235 -6.05 13.66 -11.29
N TYR A 236 -4.87 14.23 -11.13
CA TYR A 236 -3.67 13.82 -11.86
C TYR A 236 -2.46 14.04 -10.95
N PRO A 237 -1.33 13.37 -11.25
CA PRO A 237 -0.19 13.47 -10.34
C PRO A 237 0.67 14.71 -10.61
N PRO A 238 1.46 15.15 -9.61
CA PRO A 238 2.27 16.37 -9.73
C PRO A 238 3.38 16.28 -10.78
N PHE A 239 4.02 15.12 -10.89
CA PHE A 239 5.10 14.91 -11.84
C PHE A 239 4.67 13.92 -12.91
N PHE A 240 4.28 14.47 -14.07
CA PHE A 240 3.70 13.68 -15.16
C PHE A 240 4.43 13.97 -16.46
N ALA A 241 4.61 12.93 -17.26
CA ALA A 241 5.19 13.04 -18.59
C ALA A 241 4.83 11.81 -19.41
N ASP A 242 5.25 11.78 -20.66
CA ASP A 242 4.95 10.65 -21.56
C ASP A 242 5.78 9.43 -21.16
N GLN A 243 7.07 9.67 -20.92
CA GLN A 243 8.01 8.63 -20.46
C GLN A 243 8.32 8.81 -18.96
N PRO A 244 8.85 7.75 -18.30
CA PRO A 244 9.25 7.85 -16.90
C PRO A 244 10.57 8.61 -16.68
N ILE A 245 11.49 8.54 -17.63
CA ILE A 245 12.76 9.29 -17.53
C ILE A 245 12.50 10.80 -17.37
N GLN A 246 11.51 11.33 -18.10
CA GLN A 246 11.12 12.74 -17.99
C GLN A 246 10.42 13.04 -16.67
N ILE A 247 9.71 12.06 -16.11
CA ILE A 247 9.12 12.18 -14.77
C ILE A 247 10.19 12.34 -13.69
N TYR A 248 11.32 11.63 -13.86
CA TYR A 248 12.43 11.71 -12.92
C TYR A 248 13.12 13.08 -12.90
N GLU A 249 13.34 13.68 -14.06
CA GLU A 249 14.00 14.99 -14.13
C GLU A 249 13.12 16.11 -13.53
N LYS A 250 11.79 15.94 -13.57
CA LYS A 250 10.87 16.86 -12.92
C LYS A 250 10.87 16.73 -11.40
N ILE A 251 10.99 15.50 -10.90
CA ILE A 251 11.02 15.26 -9.46
C ILE A 251 12.27 15.85 -8.82
N VAL A 252 13.44 15.56 -9.39
CA VAL A 252 14.72 16.06 -8.85
C VAL A 252 14.83 17.59 -8.89
N SER A 253 14.17 18.23 -9.85
CA SER A 253 14.09 19.70 -9.89
C SER A 253 13.21 20.21 -8.76
N GLY A 254 12.08 19.53 -8.53
CA GLY A 254 11.18 19.84 -7.41
C GLY A 254 10.02 20.76 -7.73
N LYS A 255 10.13 21.50 -8.84
CA LYS A 255 9.07 22.38 -9.34
C LYS A 255 7.71 21.67 -9.46
N VAL A 256 6.69 22.23 -8.80
CA VAL A 256 5.32 21.72 -8.81
C VAL A 256 4.31 22.85 -9.07
N ARG A 257 3.42 22.65 -10.04
CA ARG A 257 2.37 23.61 -10.36
C ARG A 257 1.05 23.15 -9.75
N PHE A 258 0.62 23.81 -8.67
CA PHE A 258 -0.67 23.52 -8.05
C PHE A 258 -1.80 24.16 -8.88
N PRO A 259 -2.97 23.49 -8.95
CA PRO A 259 -4.13 24.15 -9.56
C PRO A 259 -4.66 25.32 -8.75
N SER A 260 -5.50 26.13 -9.39
CA SER A 260 -6.19 27.27 -8.76
C SER A 260 -7.05 26.83 -7.58
N HIS A 261 -7.78 25.72 -7.76
CA HIS A 261 -8.75 25.25 -6.77
C HIS A 261 -8.17 24.62 -5.50
N PHE A 262 -6.88 24.30 -5.49
CA PHE A 262 -6.20 23.84 -4.26
C PHE A 262 -6.22 24.96 -3.22
N SER A 263 -6.54 24.62 -1.96
CA SER A 263 -6.44 25.56 -0.84
C SER A 263 -4.99 26.03 -0.62
N SER A 264 -4.82 27.14 0.08
CA SER A 264 -3.49 27.58 0.47
C SER A 264 -2.98 26.75 1.65
N ASP A 265 -3.91 26.23 2.47
CA ASP A 265 -3.59 25.23 3.51
C ASP A 265 -3.10 23.91 2.93
N LEU A 266 -3.68 23.51 1.80
CA LEU A 266 -3.27 22.30 1.10
C LEU A 266 -1.90 22.51 0.50
N LYS A 267 -1.76 23.58 -0.29
CA LYS A 267 -0.50 23.94 -0.93
C LYS A 267 0.68 23.98 0.05
N ASP A 268 0.47 24.61 1.20
CA ASP A 268 1.51 24.70 2.22
C ASP A 268 1.94 23.32 2.71
N LEU A 269 0.98 22.39 2.85
CA LEU A 269 1.30 21.00 3.21
C LEU A 269 2.09 20.27 2.13
N LEU A 270 1.62 20.39 0.89
CA LEU A 270 2.24 19.71 -0.24
C LEU A 270 3.64 20.22 -0.54
N ARG A 271 3.88 21.53 -0.35
CA ARG A 271 5.25 22.06 -0.45
C ARG A 271 6.14 21.49 0.67
N ASN A 272 5.57 21.31 1.86
CA ASN A 272 6.26 20.69 2.99
C ASN A 272 6.46 19.18 2.89
N LEU A 273 5.55 18.47 2.22
CA LEU A 273 5.70 17.01 2.00
C LEU A 273 6.54 16.70 0.76
N LEU A 274 6.33 17.47 -0.31
CA LEU A 274 7.13 17.33 -1.53
C LEU A 274 8.37 18.22 -1.47
N GLN A 275 9.14 18.04 -0.39
CA GLN A 275 10.40 18.77 -0.19
C GLN A 275 11.52 17.93 -0.77
N VAL A 276 12.32 18.53 -1.65
CA VAL A 276 13.48 17.84 -2.24
C VAL A 276 14.55 17.59 -1.17
N ASP A 277 14.82 18.62 -0.36
CA ASP A 277 15.73 18.48 0.77
C ASP A 277 15.02 17.73 1.89
N LEU A 278 15.42 16.48 2.13
CA LEU A 278 14.81 15.65 3.16
C LEU A 278 15.12 16.10 4.61
N THR A 279 16.05 17.05 4.77
CA THR A 279 16.24 17.77 6.03
C THR A 279 15.03 18.62 6.42
N LYS A 280 14.37 19.21 5.42
CA LYS A 280 13.24 20.13 5.63
C LYS A 280 11.86 19.51 5.35
N ARG A 281 11.80 18.19 5.14
CA ARG A 281 10.53 17.54 4.79
C ARG A 281 9.75 17.16 6.04
N PHE A 282 8.45 17.44 6.02
CA PHE A 282 7.54 17.01 7.09
C PHE A 282 7.50 15.48 7.20
N GLY A 283 7.44 14.99 8.43
CA GLY A 283 7.56 13.55 8.69
C GLY A 283 8.96 13.10 9.08
N ASN A 284 9.97 13.90 8.75
CA ASN A 284 11.38 13.59 9.01
C ASN A 284 12.09 14.75 9.73
N LEU A 285 11.36 15.41 10.63
CA LEU A 285 11.91 16.49 11.48
C LEU A 285 11.93 15.97 12.92
N LYS A 286 12.13 16.87 13.90
CA LYS A 286 12.16 16.47 15.32
C LYS A 286 10.81 15.93 15.83
N ASN A 287 9.72 16.60 15.47
CA ASN A 287 8.36 16.13 15.79
C ASN A 287 7.95 14.94 14.94
N GLY A 288 8.52 14.84 13.73
CA GLY A 288 8.27 13.72 12.85
C GLY A 288 6.89 13.86 12.26
N VAL A 289 6.04 12.88 12.56
CA VAL A 289 4.69 12.81 11.98
C VAL A 289 3.76 13.92 12.48
N ASN A 290 4.00 14.41 13.70
CA ASN A 290 3.10 15.38 14.33
C ASN A 290 3.10 16.77 13.68
N ASP A 291 4.09 17.07 12.86
CA ASP A 291 4.05 18.25 11.98
C ASP A 291 2.98 18.12 10.90
N ILE A 292 2.73 16.89 10.46
CA ILE A 292 1.67 16.59 9.49
C ILE A 292 0.29 16.59 10.19
N LYS A 293 0.20 15.97 11.36
CA LYS A 293 -1.04 15.92 12.15
C LYS A 293 -1.53 17.30 12.63
N ASN A 294 -0.60 18.14 13.06
CA ASN A 294 -0.90 19.49 13.55
C ASN A 294 -0.75 20.57 12.48
N HIS A 295 -0.76 20.18 11.20
CA HIS A 295 -0.82 21.15 10.12
C HIS A 295 -2.24 21.69 10.01
N LYS A 296 -2.37 22.91 9.50
CA LYS A 296 -3.66 23.59 9.37
C LYS A 296 -4.69 22.76 8.60
N TRP A 297 -4.25 22.21 7.46
CA TRP A 297 -5.11 21.38 6.60
C TRP A 297 -5.74 20.16 7.29
N PHE A 298 -5.08 19.64 8.33
CA PHE A 298 -5.60 18.51 9.13
C PHE A 298 -6.21 18.94 10.49
N ALA A 299 -6.54 20.23 10.65
CA ALA A 299 -7.08 20.75 11.92
C ALA A 299 -8.49 20.24 12.21
N THR A 300 -9.23 19.92 11.14
CA THR A 300 -10.58 19.37 11.23
C THR A 300 -10.62 17.86 11.50
N THR A 301 -9.50 17.17 11.30
CA THR A 301 -9.45 15.71 11.41
C THR A 301 -9.31 15.28 12.86
N ASP A 302 -10.26 14.47 13.33
CA ASP A 302 -10.19 13.80 14.64
C ASP A 302 -9.44 12.49 14.44
N TRP A 303 -8.18 12.49 14.86
CA TRP A 303 -7.25 11.37 14.62
C TRP A 303 -7.65 10.08 15.32
N ILE A 304 -8.24 10.19 16.50
CA ILE A 304 -8.70 9.02 17.26
C ILE A 304 -9.93 8.44 16.54
N ALA A 305 -10.83 9.31 16.11
CA ALA A 305 -12.07 8.92 15.43
C ALA A 305 -11.83 8.21 14.09
N ILE A 306 -10.75 8.58 13.40
CA ILE A 306 -10.35 7.89 12.17
C ILE A 306 -9.83 6.48 12.49
N TYR A 307 -8.96 6.36 13.50
CA TYR A 307 -8.44 5.05 13.93
C TYR A 307 -9.58 4.08 14.30
N GLN A 308 -10.51 4.57 15.13
CA GLN A 308 -11.65 3.76 15.58
C GLN A 308 -12.73 3.53 14.51
N ARG A 309 -12.61 4.24 13.38
CA ARG A 309 -13.47 4.06 12.21
C ARG A 309 -14.90 4.55 12.51
N LYS A 310 -14.98 5.61 13.31
CA LYS A 310 -16.25 6.22 13.71
C LYS A 310 -16.71 7.30 12.74
N VAL A 311 -15.76 7.98 12.08
CA VAL A 311 -16.07 9.06 11.15
C VAL A 311 -16.87 8.50 9.97
N GLU A 312 -17.92 9.21 9.58
CA GLU A 312 -18.78 8.76 8.50
C GLU A 312 -18.05 8.97 7.19
N ALA A 313 -18.01 7.93 6.36
CA ALA A 313 -17.23 7.95 5.14
C ALA A 313 -17.90 8.83 4.08
N PRO A 314 -17.12 9.67 3.40
CA PRO A 314 -17.64 10.53 2.34
C PRO A 314 -17.92 9.80 1.01
N PHE A 315 -17.54 8.53 0.91
CA PHE A 315 -17.89 7.67 -0.22
C PHE A 315 -18.00 6.24 0.28
N ILE A 316 -19.14 5.60 0.02
CA ILE A 316 -19.37 4.19 0.36
C ILE A 316 -19.84 3.45 -0.91
N PRO A 317 -19.02 2.53 -1.45
CA PRO A 317 -19.26 2.06 -2.82
C PRO A 317 -20.46 1.13 -3.00
N LYS A 318 -20.75 0.83 -4.26
CA LYS A 318 -21.86 -0.04 -4.63
C LYS A 318 -21.59 -1.46 -4.16
N PHE A 319 -22.65 -2.17 -3.78
CA PHE A 319 -22.56 -3.56 -3.36
C PHE A 319 -23.79 -4.33 -3.85
N LYS A 320 -23.63 -5.14 -4.89
CA LYS A 320 -24.71 -5.98 -5.41
C LYS A 320 -24.90 -7.20 -4.51
N GLY A 321 -23.81 -7.93 -4.29
CA GLY A 321 -23.81 -9.09 -3.41
C GLY A 321 -22.40 -9.58 -3.10
N PRO A 322 -22.27 -10.65 -2.29
CA PRO A 322 -20.96 -11.23 -2.02
C PRO A 322 -20.41 -11.97 -3.25
N GLY A 323 -19.10 -11.89 -3.46
CA GLY A 323 -18.47 -12.43 -4.66
C GLY A 323 -18.74 -11.64 -5.93
N ASP A 324 -19.12 -10.37 -5.79
CA ASP A 324 -19.37 -9.46 -6.91
C ASP A 324 -18.11 -8.64 -7.18
N THR A 325 -17.80 -8.45 -8.46
CA THR A 325 -16.56 -7.83 -8.90
C THR A 325 -16.82 -6.66 -9.86
N SER A 326 -17.98 -6.00 -9.72
CA SER A 326 -18.36 -4.89 -10.60
C SER A 326 -17.45 -3.65 -10.45
N ASN A 327 -16.78 -3.53 -9.29
CA ASN A 327 -15.80 -2.46 -9.06
C ASN A 327 -14.38 -2.85 -9.52
N PHE A 328 -14.23 -3.90 -10.33
CA PHE A 328 -12.94 -4.35 -10.85
C PHE A 328 -13.00 -4.53 -12.35
N ASP A 329 -11.88 -4.31 -13.01
CA ASP A 329 -11.76 -4.50 -14.46
C ASP A 329 -11.68 -5.98 -14.80
N ASP A 330 -11.97 -6.32 -16.04
CA ASP A 330 -11.93 -7.73 -16.51
C ASP A 330 -10.59 -8.04 -17.19
N TYR A 331 -10.02 -9.21 -16.85
CA TYR A 331 -8.79 -9.73 -17.45
C TYR A 331 -9.06 -11.14 -17.97
N GLU A 332 -8.19 -11.62 -18.85
CA GLU A 332 -8.35 -12.96 -19.44
C GLU A 332 -8.03 -14.04 -18.41
N GLU A 333 -8.97 -14.96 -18.21
CA GLU A 333 -8.86 -16.02 -17.20
C GLU A 333 -7.85 -17.10 -17.59
N GLU A 334 -6.60 -16.93 -17.15
CA GLU A 334 -5.51 -17.85 -17.44
C GLU A 334 -5.41 -18.96 -16.39
N GLU A 335 -4.86 -20.11 -16.80
CA GLU A 335 -4.84 -21.32 -15.96
C GLU A 335 -3.79 -21.23 -14.85
N ILE A 336 -4.04 -21.94 -13.75
CA ILE A 336 -3.05 -22.16 -12.69
C ILE A 336 -2.42 -23.53 -12.95
N ARG A 337 -1.11 -23.58 -13.18
CA ARG A 337 -0.41 -24.83 -13.51
C ARG A 337 0.42 -25.36 -12.35
N VAL A 338 -0.17 -26.26 -11.56
CA VAL A 338 0.56 -27.02 -10.56
C VAL A 338 1.43 -28.08 -11.25
N SEP A 339 2.75 -27.87 -11.24
CA SEP A 339 3.71 -28.80 -11.84
CB SEP A 339 5.03 -28.08 -12.07
OG SEP A 339 6.04 -28.96 -12.57
C SEP A 339 3.90 -29.99 -10.93
O SEP A 339 3.58 -29.94 -9.74
P SEP A 339 6.32 -29.17 -14.14
O1P SEP A 339 6.35 -27.79 -14.75
O2P SEP A 339 5.17 -30.04 -14.58
O3P SEP A 339 7.67 -29.85 -14.14
N ILE A 340 4.42 -31.08 -11.50
CA ILE A 340 4.75 -32.28 -10.72
C ILE A 340 6.09 -32.06 -10.03
N ASN A 341 7.06 -31.47 -10.74
CA ASN A 341 8.39 -31.16 -10.20
C ASN A 341 8.40 -29.84 -9.42
N GLU A 342 8.78 -29.93 -8.14
CA GLU A 342 8.92 -28.77 -7.25
C GLU A 342 10.02 -27.82 -7.76
N LYS A 343 9.62 -26.66 -8.22
CA LYS A 343 10.54 -25.66 -8.78
C LYS A 343 10.98 -24.68 -7.68
N CYS A 344 12.25 -24.28 -7.72
CA CYS A 344 12.82 -23.25 -6.84
C CYS A 344 12.62 -23.48 -5.32
N GLY A 345 12.63 -24.74 -4.88
CA GLY A 345 12.42 -25.07 -3.47
C GLY A 345 13.41 -24.40 -2.50
N LYS A 346 14.66 -24.33 -2.94
CA LYS A 346 15.74 -23.73 -2.15
C LYS A 346 15.52 -22.24 -1.88
N GLU A 347 15.18 -21.51 -2.95
CA GLU A 347 15.07 -20.04 -2.90
C GLU A 347 13.89 -19.58 -2.03
N PHE A 348 12.78 -20.30 -2.11
CA PHE A 348 11.58 -20.02 -1.32
C PHE A 348 11.37 -21.09 -0.26
N SER A 349 12.43 -21.44 0.45
CA SER A 349 12.35 -22.45 1.50
C SER A 349 11.54 -21.93 2.66
N GLU A 350 11.90 -20.73 3.11
CA GLU A 350 11.34 -20.14 4.33
C GLU A 350 9.99 -19.43 4.13
N PHE A 351 9.43 -19.48 2.92
CA PHE A 351 8.10 -18.95 2.66
C PHE A 351 7.05 -19.83 3.34
C4 6J9 B 1 -7.37 -6.77 -4.49
C5 6J9 B 1 -6.90 -7.20 -3.14
C6 6J9 B 1 -7.94 -7.61 -2.18
N1 6J9 B 1 -4.70 -5.76 -7.63
C7 6J9 B 1 -5.66 -7.34 -2.47
C8 6J9 B 1 -5.94 -7.79 -1.19
N2 6J9 B 1 -8.71 -6.80 -4.71
C9 6J9 B 1 -9.60 -7.19 -3.79
N 6J9 B 1 -6.52 -6.35 -5.54
C1 6J9 B 1 -5.48 -5.36 -5.34
C 6J9 B 1 -6.69 -6.93 -6.87
C2 6J9 B 1 -6.14 -5.93 -7.88
C3 6J9 B 1 -4.29 -5.77 -6.21
N4 6J9 B 1 -9.23 -7.59 -2.55
N3 6J9 B 1 -7.28 -7.94 -1.05
C1 ZEU B 2 3.52 -8.74 -9.81
O2 ZEU B 2 3.83 -9.34 -10.82
C2 ZEU B 2 2.57 -9.40 -8.83
C3 ZEU B 2 1.28 -8.59 -8.64
C4 ZEU B 2 0.12 -9.15 -9.45
C5 ZEU B 2 -0.99 -8.11 -9.64
C6 ZEU B 2 -1.69 -7.75 -8.32
C7 ZEU B 2 -1.46 -6.31 -7.86
C8 ZEU B 2 -2.39 -5.23 -8.46
C9 ZEU B 2 -3.85 -5.61 -8.66
O3 ZEU B 2 -4.20 -5.76 -9.83
N DAL B 3 3.94 -7.50 -9.52
CA DAL B 3 4.75 -6.69 -10.43
CB DAL B 3 5.44 -5.62 -9.57
C DAL B 3 3.90 -6.14 -11.56
O DAL B 3 3.02 -6.84 -12.07
N DAR B 4 4.14 -4.89 -11.99
CA DAR B 4 3.26 -4.24 -12.99
CB DAR B 4 3.78 -4.53 -14.41
CG DAR B 4 2.72 -5.29 -15.20
CD DAR B 4 3.17 -5.71 -16.59
NE DAR B 4 2.08 -6.43 -17.25
CZ DAR B 4 2.13 -7.64 -17.84
NH1 DAR B 4 3.24 -8.38 -17.95
NH2 DAR B 4 1.01 -8.11 -18.38
C DAR B 4 3.11 -2.77 -12.74
O DAR B 4 3.87 -2.16 -11.99
N DAR B 5 2.08 -2.20 -13.36
CA DAR B 5 1.68 -0.79 -13.19
CB DAR B 5 0.59 -0.66 -12.11
CG DAR B 5 0.37 -1.91 -11.25
CD DAR B 5 -0.80 -1.76 -10.30
NE DAR B 5 -2.08 -1.89 -10.99
CZ DAR B 5 -3.27 -2.09 -10.41
NH1 DAR B 5 -3.42 -2.22 -9.08
NH2 DAR B 5 -4.35 -2.17 -11.18
C DAR B 5 1.19 -0.31 -14.56
O DAR B 5 0.17 -0.83 -15.05
N DAR B 6 1.89 0.64 -15.16
N DAR B 6 1.87 0.68 -15.13
N DAR B 6 1.89 0.65 -15.15
CA DAR B 6 1.62 1.06 -16.54
CA DAR B 6 1.68 1.10 -16.51
CA DAR B 6 1.63 1.05 -16.55
CB DAR B 6 2.95 1.21 -17.27
CB DAR B 6 3.07 1.36 -17.08
CB DAR B 6 2.98 1.18 -17.26
CG DAR B 6 2.72 1.70 -18.70
CG DAR B 6 4.03 1.74 -15.96
CG DAR B 6 3.42 2.63 -17.45
CD DAR B 6 2.88 0.56 -19.70
CD DAR B 6 4.92 2.91 -16.34
CD DAR B 6 4.93 2.75 -17.35
NE DAR B 6 3.94 0.83 -20.64
NE DAR B 6 6.23 2.47 -16.77
NE DAR B 6 5.37 4.13 -17.28
CZ DAR B 6 4.99 0.03 -20.77
CZ DAR B 6 6.68 2.72 -18.00
CZ DAR B 6 5.17 4.87 -16.19
NH1 DAR B 6 5.09 -1.07 -20.01
NH1 DAR B 6 7.89 2.31 -18.37
NH1 DAR B 6 4.56 4.35 -15.13
NH2 DAR B 6 5.95 0.31 -21.65
NH2 DAR B 6 5.91 3.38 -18.86
NH2 DAR B 6 5.58 6.13 -16.17
C DAR B 6 0.86 2.34 -16.66
C DAR B 6 0.87 2.36 -16.65
C DAR B 6 0.86 2.34 -16.67
O DAR B 6 1.41 3.37 -17.07
O DAR B 6 1.39 3.39 -17.09
O DAR B 6 1.40 3.37 -17.11
N DAR B 7 -0.41 2.30 -16.28
CA DAR B 7 -1.35 3.44 -16.47
CB DAR B 7 -1.44 4.42 -15.28
CG DAR B 7 -0.14 5.16 -14.94
CD DAR B 7 -0.36 6.22 -13.85
NE DAR B 7 -0.19 5.71 -12.49
CZ DAR B 7 -0.65 6.31 -11.38
NH1 DAR B 7 -0.44 5.73 -10.19
NH2 DAR B 7 -1.32 7.46 -11.37
C DAR B 7 -2.72 2.85 -16.75
O DAR B 7 -2.85 1.65 -16.97
N NH2 B 8 -3.88 3.69 -16.79
S SO4 C . 0.81 28.95 -5.97
O1 SO4 C . -0.64 28.74 -6.12
O2 SO4 C . 1.22 30.14 -6.75
O3 SO4 C . 1.53 27.75 -6.48
O4 SO4 C . 1.15 29.13 -4.54
S SO4 D . 15.38 -9.88 10.43
O1 SO4 D . 15.40 -8.54 11.06
O2 SO4 D . 14.31 -9.94 9.41
O3 SO4 D . 15.13 -10.91 11.47
O4 SO4 D . 16.68 -10.18 9.79
S SO4 E . 20.48 6.00 -12.29
O1 SO4 E . 19.92 7.07 -11.43
O2 SO4 E . 19.48 5.59 -13.30
O3 SO4 E . 20.85 4.82 -11.47
O4 SO4 E . 21.68 6.51 -12.99
C4 6J9 F . -4.30 6.35 18.48
C5 6J9 F . -3.38 5.82 17.43
C6 6J9 F . -2.75 6.80 16.53
N1 6J9 F . -6.70 5.26 21.41
C7 6J9 F . -2.92 4.55 17.04
C8 6J9 F . -2.06 4.73 15.96
N2 6J9 F . -4.48 7.70 18.53
C9 6J9 F . -3.87 8.54 17.66
N 6J9 F . -4.95 5.50 19.40
C1 6J9 F . -6.15 4.77 18.99
C 6J9 F . -4.34 5.34 20.72
C2 6J9 F . -5.35 4.75 21.72
C3 6J9 F . -7.17 4.67 20.14
N4 6J9 F . -3.03 8.12 16.69
N3 6J9 F . -1.98 6.07 15.68
#